data_3EF0
#
_entry.id   3EF0
#
_cell.length_a   55.169
_cell.length_b   80.682
_cell.length_c   89.342
_cell.angle_alpha   90.000
_cell.angle_beta   90.000
_cell.angle_gamma   90.000
#
_symmetry.space_group_name_H-M   'P 21 21 21'
#
loop_
_entity.id
_entity.type
_entity.pdbx_description
1 polymer 'RNA polymerase II subunit A C-terminal domain phosphatase'
2 non-polymer 'TETRAFLUOROALUMINATE ION'
3 non-polymer 'MAGNESIUM ION'
4 water water
#
_entity_poly.entity_id   1
_entity_poly.type   'polypeptide(L)'
_entity_poly.pdbx_seq_one_letter_code
;SLSRLESENVKRLRQEKRLSLIVDLDQTIIHATVDPTVGEWMSDPGNVNYDVLRDVRSFNLQEGPSGYTSCYYIKFRPGL
AQFLQKISELYELHIYTMGTKAYAKEVAKIIDPTGKLFQDRVLSRDDSGSLAQKSLRRLFPCDTSMVVVIDDRGDVWDWN
PNLIKVVPYEFFVGIGDINSNFLSGNREALEEQNKERVTALELQKSERPLAKQQNALLEDEGKPTPSHTLLHNRDHELER
LEKVLKDIHAVYYEEENDISSRSGNHKHANVGLIIPKMKQKVLKGCRLLFSGVIPLGVDVLSSDIAKWAMSFGAEVVLDF
SVPPTHLIAAKIRTEKVKKAVSMGNIKVVKLNWLTESLSQWKRLPESDYLLY
;
_entity_poly.pdbx_strand_id   A
#
loop_
_chem_comp.id
_chem_comp.type
_chem_comp.name
_chem_comp.formula
ALF non-polymer 'TETRAFLUOROALUMINATE ION' 'Al F4 -1'
MG non-polymer 'MAGNESIUM ION' 'Mg 2'
#
# COMPACT_ATOMS: atom_id res chain seq x y z
N ARG A 4 16.90 -21.78 16.71
CA ARG A 4 18.27 -21.43 16.27
C ARG A 4 18.30 -20.66 14.95
N LEU A 5 17.37 -21.01 14.06
CA LEU A 5 17.31 -20.37 12.75
C LEU A 5 17.06 -18.86 12.88
N GLU A 6 16.05 -18.47 13.67
CA GLU A 6 15.72 -17.05 13.84
C GLU A 6 16.88 -16.18 14.32
N SER A 7 17.38 -16.46 15.52
CA SER A 7 18.48 -15.71 16.10
C SER A 7 19.69 -15.69 15.18
N GLU A 8 19.92 -16.81 14.52
CA GLU A 8 21.02 -16.95 13.59
C GLU A 8 20.82 -16.04 12.38
N ASN A 9 19.56 -15.91 11.96
CA ASN A 9 19.21 -15.06 10.83
C ASN A 9 19.55 -13.60 11.12
N VAL A 10 19.17 -13.13 12.31
CA VAL A 10 19.46 -11.76 12.69
C VAL A 10 20.97 -11.50 12.59
N LYS A 11 21.76 -12.42 13.13
CA LYS A 11 23.21 -12.29 13.10
C LYS A 11 23.73 -12.33 11.67
N ARG A 12 23.16 -13.19 10.83
CA ARG A 12 23.59 -13.28 9.44
C ARG A 12 23.30 -11.97 8.70
N LEU A 13 22.08 -11.47 8.86
CA LEU A 13 21.69 -10.24 8.21
C LEU A 13 22.55 -9.06 8.61
N ARG A 14 22.82 -8.92 9.91
CA ARG A 14 23.65 -7.80 10.33
C ARG A 14 25.06 -7.95 9.78
N GLN A 15 25.47 -9.20 9.55
CA GLN A 15 26.80 -9.42 9.01
C GLN A 15 26.78 -9.07 7.52
N GLU A 16 25.63 -9.22 6.88
CA GLU A 16 25.50 -8.91 5.46
C GLU A 16 25.16 -7.43 5.32
N LYS A 17 24.95 -6.74 6.44
CA LYS A 17 24.57 -5.34 6.43
C LYS A 17 23.23 -5.16 5.70
N ARG A 18 22.25 -5.97 6.09
CA ARG A 18 20.92 -5.90 5.50
C ARG A 18 19.83 -5.95 6.57
N LEU A 19 18.61 -5.66 6.13
CA LEU A 19 17.43 -5.69 6.99
C LEU A 19 16.49 -6.66 6.31
N SER A 20 15.27 -6.81 6.83
CA SER A 20 14.29 -7.71 6.23
C SER A 20 13.15 -6.87 5.72
N LEU A 21 12.66 -7.18 4.52
CA LEU A 21 11.53 -6.45 3.95
C LEU A 21 10.40 -7.40 3.60
N ILE A 22 9.22 -7.12 4.16
CA ILE A 22 8.03 -7.91 3.89
C ILE A 22 7.25 -7.13 2.83
N VAL A 23 6.97 -7.80 1.72
CA VAL A 23 6.29 -7.17 0.61
C VAL A 23 4.89 -7.69 0.30
N ASP A 24 3.90 -6.80 0.34
CA ASP A 24 2.51 -7.16 -0.02
C ASP A 24 2.42 -7.11 -1.54
N LEU A 25 1.52 -7.87 -2.15
CA LEU A 25 1.44 -7.87 -3.61
C LEU A 25 0.42 -6.88 -4.21
N ASP A 26 -0.85 -7.21 -4.10
CA ASP A 26 -1.92 -6.39 -4.67
C ASP A 26 -1.88 -4.91 -4.34
N GLN A 27 -1.85 -4.08 -5.37
CA GLN A 27 -1.83 -2.64 -5.24
C GLN A 27 -0.59 -2.09 -4.51
N THR A 28 0.41 -2.94 -4.31
CA THR A 28 1.67 -2.50 -3.72
C THR A 28 2.73 -2.59 -4.81
N ILE A 29 3.01 -3.79 -5.31
CA ILE A 29 3.99 -3.88 -6.41
C ILE A 29 3.34 -4.37 -7.72
N ILE A 30 2.07 -4.77 -7.64
CA ILE A 30 1.36 -5.21 -8.84
C ILE A 30 -0.10 -4.83 -8.74
N HIS A 31 -0.82 -5.01 -9.86
CA HIS A 31 -2.24 -4.78 -9.91
C HIS A 31 -2.77 -5.91 -10.78
N ALA A 32 -3.77 -6.63 -10.27
CA ALA A 32 -4.34 -7.75 -11.00
C ALA A 32 -5.83 -7.59 -11.27
N THR A 33 -6.29 -8.14 -12.38
CA THR A 33 -7.70 -8.12 -12.75
C THR A 33 -8.00 -9.38 -13.55
N VAL A 34 -9.27 -9.78 -13.61
CA VAL A 34 -9.64 -10.94 -14.41
C VAL A 34 -10.58 -10.48 -15.53
N ASP A 35 -10.70 -9.16 -15.70
CA ASP A 35 -11.56 -8.59 -16.76
C ASP A 35 -10.97 -9.05 -18.09
N PRO A 36 -11.70 -9.91 -18.84
CA PRO A 36 -11.24 -10.42 -20.14
C PRO A 36 -10.97 -9.33 -21.17
N THR A 37 -11.40 -8.11 -20.86
CA THR A 37 -11.18 -6.96 -21.74
C THR A 37 -9.67 -6.78 -21.95
N VAL A 38 -8.88 -7.02 -20.91
CA VAL A 38 -7.43 -6.85 -21.00
C VAL A 38 -6.83 -7.70 -22.12
N GLY A 39 -7.24 -8.97 -22.19
CA GLY A 39 -6.73 -9.83 -23.24
C GLY A 39 -7.09 -9.32 -24.62
N GLU A 40 -8.26 -8.72 -24.74
CA GLU A 40 -8.70 -8.19 -26.03
C GLU A 40 -7.82 -7.00 -26.42
N TRP A 41 -7.64 -6.06 -25.50
CA TRP A 41 -6.82 -4.90 -25.79
C TRP A 41 -5.38 -5.28 -26.10
N MET A 42 -4.84 -6.26 -25.38
CA MET A 42 -3.47 -6.69 -25.58
C MET A 42 -3.24 -7.37 -26.94
N SER A 43 -4.29 -7.92 -27.52
CA SER A 43 -4.14 -8.59 -28.81
C SER A 43 -4.40 -7.65 -29.98
N ASP A 44 -4.54 -6.36 -29.70
CA ASP A 44 -4.80 -5.38 -30.76
C ASP A 44 -3.84 -4.19 -30.70
N PRO A 45 -2.76 -4.23 -31.50
CA PRO A 45 -1.76 -3.16 -31.54
C PRO A 45 -2.34 -1.77 -31.80
N GLY A 46 -3.52 -1.72 -32.42
CA GLY A 46 -4.13 -0.44 -32.72
C GLY A 46 -4.99 0.12 -31.60
N ASN A 47 -5.19 -0.66 -30.54
CA ASN A 47 -6.02 -0.22 -29.42
C ASN A 47 -5.32 0.88 -28.62
N VAL A 48 -6.09 1.89 -28.21
CA VAL A 48 -5.54 3.00 -27.45
C VAL A 48 -4.81 2.59 -26.16
N ASN A 49 -5.18 1.45 -25.59
CA ASN A 49 -4.54 0.98 -24.35
C ASN A 49 -3.41 -0.01 -24.61
N TYR A 50 -3.23 -0.41 -25.87
CA TYR A 50 -2.22 -1.39 -26.22
C TYR A 50 -0.82 -1.14 -25.68
N ASP A 51 -0.28 0.05 -25.94
CA ASP A 51 1.07 0.36 -25.52
C ASP A 51 1.36 0.23 -24.03
N VAL A 52 0.48 0.72 -23.17
CA VAL A 52 0.73 0.62 -21.74
C VAL A 52 0.47 -0.78 -21.18
N LEU A 53 -0.01 -1.67 -22.03
CA LEU A 53 -0.30 -3.04 -21.62
C LEU A 53 0.77 -4.00 -22.12
N ARG A 54 1.73 -3.49 -22.89
CA ARG A 54 2.79 -4.35 -23.44
C ARG A 54 3.53 -5.20 -22.43
N ASP A 55 3.76 -4.66 -21.23
CA ASP A 55 4.48 -5.40 -20.20
C ASP A 55 3.60 -6.25 -19.28
N VAL A 56 2.29 -6.19 -19.48
CA VAL A 56 1.37 -6.98 -18.66
C VAL A 56 1.59 -8.46 -18.91
N ARG A 57 1.43 -9.27 -17.86
CA ARG A 57 1.62 -10.71 -17.99
C ARG A 57 0.40 -11.41 -17.43
N SER A 58 0.14 -12.64 -17.87
CA SER A 58 -1.02 -13.37 -17.38
C SER A 58 -0.76 -14.83 -17.10
N PHE A 59 -1.69 -15.46 -16.38
CA PHE A 59 -1.60 -16.87 -16.05
C PHE A 59 -2.99 -17.35 -15.67
N ASN A 60 -3.20 -18.66 -15.67
CA ASN A 60 -4.50 -19.21 -15.29
C ASN A 60 -4.41 -19.96 -13.98
N LEU A 61 -5.50 -19.92 -13.21
CA LEU A 61 -5.57 -20.61 -11.94
C LEU A 61 -6.93 -21.26 -11.81
N GLN A 62 -6.96 -22.48 -11.30
CA GLN A 62 -8.21 -23.19 -11.08
C GLN A 62 -8.44 -23.11 -9.58
N GLU A 63 -9.46 -22.39 -9.17
CA GLU A 63 -9.77 -22.20 -7.75
C GLU A 63 -11.11 -22.79 -7.34
N GLY A 64 -11.19 -23.25 -6.10
CA GLY A 64 -12.42 -23.84 -5.59
C GLY A 64 -12.58 -25.30 -5.92
N PRO A 65 -13.50 -26.01 -5.26
CA PRO A 65 -13.73 -27.44 -5.50
C PRO A 65 -14.18 -27.71 -6.93
N SER A 66 -14.97 -26.80 -7.49
CA SER A 66 -15.49 -26.94 -8.85
C SER A 66 -14.44 -26.64 -9.91
N GLY A 67 -13.22 -26.36 -9.47
CA GLY A 67 -12.14 -26.08 -10.40
C GLY A 67 -12.40 -24.87 -11.28
N TYR A 68 -13.05 -23.86 -10.73
CA TYR A 68 -13.33 -22.62 -11.46
C TYR A 68 -12.00 -22.05 -11.93
N THR A 69 -11.87 -21.79 -13.22
CA THR A 69 -10.62 -21.28 -13.76
C THR A 69 -10.71 -19.82 -14.23
N SER A 70 -9.65 -19.06 -13.97
CA SER A 70 -9.61 -17.66 -14.39
C SER A 70 -8.24 -17.29 -14.93
N CYS A 71 -8.25 -16.37 -15.89
CA CYS A 71 -7.03 -15.85 -16.47
C CYS A 71 -6.78 -14.54 -15.73
N TYR A 72 -5.71 -14.49 -14.96
CA TYR A 72 -5.35 -13.29 -14.22
C TYR A 72 -4.36 -12.49 -15.06
N TYR A 73 -4.63 -11.19 -15.20
CA TYR A 73 -3.73 -10.31 -15.95
C TYR A 73 -3.02 -9.51 -14.86
N ILE A 74 -1.69 -9.56 -14.88
CA ILE A 74 -0.91 -8.85 -13.88
C ILE A 74 -0.03 -7.74 -14.46
N LYS A 75 -0.20 -6.54 -13.90
CA LYS A 75 0.57 -5.37 -14.28
C LYS A 75 1.59 -5.07 -13.18
N PHE A 76 2.87 -4.97 -13.56
CA PHE A 76 3.95 -4.66 -12.61
C PHE A 76 4.02 -3.16 -12.42
N ARG A 77 4.15 -2.70 -11.17
CA ARG A 77 4.23 -1.27 -10.93
C ARG A 77 5.48 -0.78 -11.70
N PRO A 78 5.44 0.43 -12.26
CA PRO A 78 6.59 0.96 -13.02
C PRO A 78 7.90 0.94 -12.23
N GLY A 79 8.94 0.38 -12.86
CA GLY A 79 10.25 0.31 -12.25
C GLY A 79 10.42 -0.80 -11.22
N LEU A 80 9.53 -1.79 -11.26
CA LEU A 80 9.59 -2.88 -10.30
C LEU A 80 10.89 -3.67 -10.31
N ALA A 81 11.27 -4.15 -11.49
CA ALA A 81 12.49 -4.96 -11.64
C ALA A 81 13.71 -4.31 -11.01
N GLN A 82 13.97 -3.05 -11.35
CA GLN A 82 15.11 -2.33 -10.80
C GLN A 82 14.95 -2.12 -9.30
N PHE A 83 13.73 -1.78 -8.91
CA PHE A 83 13.41 -1.56 -7.50
C PHE A 83 13.80 -2.79 -6.67
N LEU A 84 13.24 -3.94 -7.02
CA LEU A 84 13.53 -5.17 -6.28
C LEU A 84 15.00 -5.52 -6.35
N GLN A 85 15.62 -5.26 -7.50
CA GLN A 85 17.03 -5.54 -7.68
C GLN A 85 17.84 -4.74 -6.68
N LYS A 86 17.69 -3.42 -6.70
CA LYS A 86 18.43 -2.54 -5.81
C LYS A 86 18.13 -2.76 -4.33
N ILE A 87 16.85 -2.88 -4.00
CA ILE A 87 16.47 -3.06 -2.60
C ILE A 87 16.91 -4.41 -2.04
N SER A 88 17.00 -5.42 -2.90
CA SER A 88 17.43 -6.73 -2.43
C SER A 88 18.87 -6.69 -1.91
N GLU A 89 19.63 -5.66 -2.30
CA GLU A 89 21.00 -5.56 -1.83
C GLU A 89 21.02 -5.05 -0.41
N LEU A 90 19.94 -4.38 -0.01
CA LEU A 90 19.81 -3.82 1.33
C LEU A 90 18.84 -4.58 2.23
N TYR A 91 17.90 -5.29 1.62
CA TYR A 91 16.90 -6.05 2.37
C TYR A 91 16.72 -7.43 1.83
N GLU A 92 16.48 -8.39 2.72
CA GLU A 92 16.21 -9.77 2.31
C GLU A 92 14.70 -9.74 2.10
N LEU A 93 14.27 -9.97 0.87
CA LEU A 93 12.87 -9.90 0.49
C LEU A 93 11.97 -11.07 0.88
N HIS A 94 10.75 -10.74 1.29
CA HIS A 94 9.73 -11.71 1.67
C HIS A 94 8.43 -11.27 1.00
N ILE A 95 7.66 -12.24 0.54
CA ILE A 95 6.35 -11.94 -0.04
C ILE A 95 5.41 -12.43 1.05
N TYR A 96 4.39 -11.64 1.36
CA TYR A 96 3.42 -12.01 2.38
C TYR A 96 2.11 -11.44 1.86
N THR A 97 1.31 -12.32 1.25
CA THR A 97 0.07 -11.89 0.66
C THR A 97 -1.16 -12.60 1.19
N MET A 98 -2.31 -11.95 1.00
CA MET A 98 -3.60 -12.47 1.40
C MET A 98 -4.12 -13.32 0.24
N GLY A 99 -3.39 -13.33 -0.87
CA GLY A 99 -3.79 -14.16 -2.00
C GLY A 99 -3.44 -15.60 -1.65
N THR A 100 -3.90 -16.57 -2.44
CA THR A 100 -3.58 -17.97 -2.18
C THR A 100 -2.14 -18.30 -2.52
N LYS A 101 -1.68 -19.45 -2.04
CA LYS A 101 -0.33 -19.89 -2.31
C LYS A 101 -0.11 -19.97 -3.83
N ALA A 102 -1.11 -20.49 -4.54
CA ALA A 102 -1.00 -20.62 -6.00
C ALA A 102 -0.88 -19.24 -6.65
N TYR A 103 -1.63 -18.28 -6.13
CA TYR A 103 -1.60 -16.92 -6.64
C TYR A 103 -0.19 -16.36 -6.42
N ALA A 104 0.28 -16.46 -5.19
CA ALA A 104 1.61 -15.95 -4.84
C ALA A 104 2.70 -16.59 -5.69
N LYS A 105 2.62 -17.91 -5.89
CA LYS A 105 3.64 -18.59 -6.68
C LYS A 105 3.62 -18.17 -8.14
N GLU A 106 2.44 -17.91 -8.70
CA GLU A 106 2.35 -17.49 -10.10
C GLU A 106 2.92 -16.09 -10.25
N VAL A 107 2.64 -15.23 -9.29
CA VAL A 107 3.16 -13.87 -9.34
C VAL A 107 4.68 -13.89 -9.17
N ALA A 108 5.16 -14.78 -8.29
CA ALA A 108 6.60 -14.89 -8.04
C ALA A 108 7.35 -15.37 -9.28
N LYS A 109 6.75 -16.31 -10.02
CA LYS A 109 7.39 -16.82 -11.23
C LYS A 109 7.58 -15.70 -12.25
N ILE A 110 6.70 -14.71 -12.19
CA ILE A 110 6.75 -13.59 -13.14
C ILE A 110 7.65 -12.43 -12.71
N ILE A 111 7.72 -12.13 -11.41
CA ILE A 111 8.56 -11.03 -10.94
C ILE A 111 9.92 -11.52 -10.42
N ASP A 112 10.04 -12.84 -10.25
CA ASP A 112 11.27 -13.46 -9.75
C ASP A 112 11.44 -14.82 -10.45
N PRO A 113 11.49 -14.81 -11.80
CA PRO A 113 11.65 -16.03 -12.60
C PRO A 113 12.74 -16.99 -12.12
N THR A 114 13.89 -16.44 -11.76
CA THR A 114 15.01 -17.25 -11.30
C THR A 114 14.83 -17.73 -9.85
N GLY A 115 14.05 -16.97 -9.09
CA GLY A 115 13.83 -17.29 -7.69
C GLY A 115 14.95 -16.69 -6.84
N LYS A 116 15.70 -15.75 -7.42
CA LYS A 116 16.83 -15.12 -6.72
C LYS A 116 16.51 -14.06 -5.68
N LEU A 117 15.52 -13.24 -5.99
CA LEU A 117 15.06 -12.15 -5.13
C LEU A 117 14.43 -12.75 -3.86
N PHE A 118 13.23 -13.30 -3.97
CA PHE A 118 12.57 -13.92 -2.84
C PHE A 118 13.06 -15.31 -3.13
N GLN A 119 12.75 -16.30 -2.33
CA GLN A 119 13.18 -17.60 -2.81
C GLN A 119 11.96 -18.46 -2.55
N ASP A 120 11.93 -19.02 -1.36
CA ASP A 120 10.82 -19.84 -0.90
C ASP A 120 10.15 -18.98 0.18
N ARG A 121 10.70 -17.78 0.36
CA ARG A 121 10.22 -16.79 1.33
C ARG A 121 8.94 -16.12 0.82
N VAL A 122 7.95 -16.97 0.60
CA VAL A 122 6.65 -16.52 0.13
C VAL A 122 5.68 -17.00 1.21
N LEU A 123 4.72 -16.13 1.52
CA LEU A 123 3.73 -16.41 2.55
C LEU A 123 2.41 -16.03 1.96
N SER A 124 1.42 -16.90 2.10
CA SER A 124 0.10 -16.63 1.56
C SER A 124 -0.95 -16.93 2.59
N ARG A 125 -2.20 -16.67 2.24
CA ARG A 125 -3.26 -16.93 3.20
C ARG A 125 -3.35 -18.41 3.54
N ASP A 126 -2.74 -19.26 2.72
CA ASP A 126 -2.77 -20.70 2.97
C ASP A 126 -1.92 -21.12 4.16
N ASP A 127 -0.87 -20.35 4.45
CA ASP A 127 0.02 -20.69 5.56
C ASP A 127 0.44 -19.53 6.45
N SER A 128 -0.25 -18.40 6.36
CA SER A 128 0.13 -17.27 7.20
C SER A 128 -0.48 -17.40 8.60
N GLY A 129 -1.60 -18.10 8.69
CA GLY A 129 -2.25 -18.27 9.98
C GLY A 129 -3.46 -17.37 10.22
N SER A 130 -3.73 -16.46 9.29
CA SER A 130 -4.88 -15.57 9.43
C SER A 130 -5.42 -15.14 8.07
N LEU A 131 -6.74 -15.02 7.99
CA LEU A 131 -7.40 -14.61 6.76
C LEU A 131 -7.73 -13.13 6.81
N ALA A 132 -7.48 -12.50 7.96
CA ALA A 132 -7.81 -11.08 8.11
C ALA A 132 -6.61 -10.15 8.31
N GLN A 133 -5.77 -10.42 9.30
CA GLN A 133 -4.60 -9.57 9.57
C GLN A 133 -3.30 -10.26 9.19
N LYS A 134 -2.23 -9.48 9.13
CA LYS A 134 -0.91 -10.00 8.84
C LYS A 134 -0.12 -9.71 10.11
N SER A 135 0.82 -10.59 10.45
CA SER A 135 1.61 -10.40 11.66
C SER A 135 3.09 -10.60 11.43
N LEU A 136 3.88 -9.70 12.00
CA LEU A 136 5.33 -9.80 11.90
C LEU A 136 5.77 -11.08 12.59
N ARG A 137 5.06 -11.42 13.66
CA ARG A 137 5.36 -12.61 14.46
C ARG A 137 5.27 -13.92 13.71
N ARG A 138 4.62 -13.91 12.55
CA ARG A 138 4.51 -15.12 11.77
C ARG A 138 5.87 -15.44 11.17
N LEU A 139 6.70 -14.40 11.01
CA LEU A 139 8.04 -14.57 10.43
C LEU A 139 9.18 -14.25 11.39
N PHE A 140 8.92 -13.38 12.35
CA PHE A 140 9.94 -12.99 13.33
C PHE A 140 9.26 -12.94 14.69
N PRO A 141 8.92 -14.12 15.23
CA PRO A 141 8.25 -14.23 16.52
C PRO A 141 8.90 -13.53 17.70
N CYS A 142 10.22 -13.60 17.78
CA CYS A 142 10.91 -13.01 18.92
C CYS A 142 11.69 -11.71 18.70
N ASP A 143 11.91 -11.34 17.45
CA ASP A 143 12.67 -10.12 17.19
C ASP A 143 12.28 -9.49 15.85
N THR A 144 11.63 -8.33 15.95
CA THR A 144 11.15 -7.59 14.79
C THR A 144 11.94 -6.28 14.57
N SER A 145 13.01 -6.12 15.34
CA SER A 145 13.85 -4.93 15.28
C SER A 145 14.48 -4.65 13.92
N MET A 146 14.47 -5.64 13.03
CA MET A 146 15.09 -5.47 11.71
C MET A 146 14.12 -5.67 10.53
N VAL A 147 12.83 -5.78 10.79
CA VAL A 147 11.92 -6.02 9.70
C VAL A 147 11.06 -4.82 9.34
N VAL A 148 11.06 -4.48 8.05
CA VAL A 148 10.29 -3.34 7.56
C VAL A 148 9.20 -3.90 6.65
N VAL A 149 8.07 -3.21 6.60
CA VAL A 149 6.96 -3.66 5.75
C VAL A 149 6.49 -2.62 4.75
N ILE A 150 6.23 -3.05 3.52
CA ILE A 150 5.66 -2.14 2.54
C ILE A 150 4.32 -2.79 2.14
N ASP A 151 3.26 -2.01 2.27
CA ASP A 151 1.90 -2.49 1.99
C ASP A 151 1.05 -1.25 1.72
N ASP A 152 0.04 -1.36 0.85
CA ASP A 152 -0.80 -0.20 0.57
C ASP A 152 -1.86 -0.01 1.64
N ARG A 153 -2.01 -0.99 2.53
CA ARG A 153 -3.00 -0.90 3.59
C ARG A 153 -2.36 -0.93 4.97
N GLY A 154 -2.83 -0.06 5.86
CA GLY A 154 -2.32 -0.02 7.21
C GLY A 154 -3.22 -0.84 8.12
N ASP A 155 -4.49 -0.96 7.77
CA ASP A 155 -5.38 -1.72 8.64
C ASP A 155 -5.02 -3.20 8.82
N VAL A 156 -4.57 -3.89 7.76
CA VAL A 156 -4.20 -5.31 7.92
C VAL A 156 -2.97 -5.51 8.81
N TRP A 157 -2.22 -4.43 9.04
CA TRP A 157 -1.03 -4.50 9.89
C TRP A 157 -1.27 -3.85 11.23
N ASP A 158 -2.53 -3.45 11.46
CA ASP A 158 -2.90 -2.78 12.70
C ASP A 158 -2.02 -1.55 12.88
N TRP A 159 -1.67 -0.92 11.76
CA TRP A 159 -0.83 0.27 11.75
C TRP A 159 0.43 0.09 12.58
N ASN A 160 1.11 -1.03 12.32
CA ASN A 160 2.35 -1.37 12.98
C ASN A 160 3.42 -0.30 12.73
N PRO A 161 4.25 0.00 13.73
CA PRO A 161 5.29 1.01 13.58
C PRO A 161 6.37 0.66 12.55
N ASN A 162 6.45 -0.61 12.17
CA ASN A 162 7.43 -1.08 11.19
C ASN A 162 6.90 -0.97 9.76
N LEU A 163 5.67 -0.49 9.63
CA LEU A 163 5.05 -0.36 8.33
C LEU A 163 5.29 0.95 7.58
N ILE A 164 5.46 0.81 6.27
CA ILE A 164 5.61 1.95 5.39
C ILE A 164 4.45 1.75 4.44
N LYS A 165 3.37 2.49 4.67
CA LYS A 165 2.18 2.40 3.85
C LYS A 165 2.50 3.05 2.51
N VAL A 166 2.16 2.36 1.44
CA VAL A 166 2.42 2.86 0.10
C VAL A 166 1.10 3.28 -0.54
N VAL A 167 1.19 4.19 -1.51
CA VAL A 167 0.02 4.65 -2.22
C VAL A 167 -0.49 3.43 -3.00
N PRO A 168 -1.78 3.09 -2.85
CA PRO A 168 -2.34 1.93 -3.56
C PRO A 168 -2.14 2.08 -5.08
N TYR A 169 -1.65 1.04 -5.72
CA TYR A 169 -1.42 1.08 -7.17
C TYR A 169 -2.68 0.67 -7.92
N GLU A 170 -3.25 1.59 -8.68
CA GLU A 170 -4.45 1.30 -9.44
C GLU A 170 -4.22 1.53 -10.94
N PHE A 171 -3.66 0.54 -11.61
CA PHE A 171 -3.41 0.64 -13.04
C PHE A 171 -4.69 0.35 -13.80
N PHE A 172 -5.35 -0.72 -13.41
CA PHE A 172 -6.62 -1.11 -14.03
C PHE A 172 -7.70 -0.29 -13.34
N VAL A 173 -7.95 0.89 -13.88
CA VAL A 173 -8.94 1.82 -13.33
C VAL A 173 -10.26 1.17 -12.93
N GLY A 174 -10.69 1.44 -11.71
CA GLY A 174 -11.95 0.89 -11.23
C GLY A 174 -11.82 -0.46 -10.58
N ILE A 175 -10.68 -1.12 -10.73
CA ILE A 175 -10.47 -2.43 -10.11
C ILE A 175 -9.69 -2.22 -8.82
N GLY A 176 -10.19 -2.80 -7.73
CA GLY A 176 -9.52 -2.68 -6.46
C GLY A 176 -8.53 -3.80 -6.23
N ASP A 177 -8.71 -4.50 -5.12
CA ASP A 177 -7.85 -5.62 -4.73
C ASP A 177 -8.68 -6.89 -4.91
N ILE A 178 -8.36 -7.69 -5.91
CA ILE A 178 -9.10 -8.92 -6.16
C ILE A 178 -8.95 -9.96 -5.05
N ASN A 179 -8.06 -9.70 -4.10
CA ASN A 179 -7.83 -10.58 -2.97
C ASN A 179 -8.28 -9.94 -1.66
N SER A 180 -9.17 -8.96 -1.72
CA SER A 180 -9.63 -8.31 -0.49
C SER A 180 -10.71 -9.13 0.23
N ALA A 189 -17.95 -17.04 6.63
CA ALA A 189 -17.56 -18.00 7.66
C ALA A 189 -16.29 -18.75 7.26
N LEU A 190 -16.36 -19.52 6.18
CA LEU A 190 -15.21 -20.29 5.73
C LEU A 190 -15.27 -20.84 4.30
N GLU A 191 -14.45 -21.86 4.04
CA GLU A 191 -14.34 -22.51 2.73
C GLU A 191 -15.53 -22.43 1.79
N GLU A 192 -16.63 -23.10 2.16
CA GLU A 192 -17.82 -23.08 1.31
C GLU A 192 -18.37 -21.68 1.11
N GLN A 193 -18.28 -20.86 2.16
CA GLN A 193 -18.75 -19.48 2.09
C GLN A 193 -17.90 -18.68 1.11
N ASN A 194 -16.71 -19.17 0.83
CA ASN A 194 -15.81 -18.50 -0.10
C ASN A 194 -16.33 -18.71 -1.51
N LYS A 195 -17.55 -19.23 -1.62
CA LYS A 195 -18.16 -19.43 -2.92
C LYS A 195 -18.37 -17.98 -3.36
N GLU A 196 -18.09 -17.07 -2.43
CA GLU A 196 -18.21 -15.64 -2.64
C GLU A 196 -17.02 -15.13 -3.44
N ARG A 197 -15.94 -15.91 -3.46
CA ARG A 197 -14.76 -15.55 -4.24
C ARG A 197 -15.10 -15.81 -5.70
N VAL A 198 -15.62 -17.01 -5.95
CA VAL A 198 -16.01 -17.39 -7.30
C VAL A 198 -17.02 -16.37 -7.79
N THR A 199 -17.95 -16.02 -6.91
CA THR A 199 -18.99 -15.05 -7.23
C THR A 199 -18.41 -13.69 -7.60
N ALA A 200 -17.38 -13.25 -6.88
CA ALA A 200 -16.76 -11.96 -7.16
C ALA A 200 -15.97 -11.99 -8.47
N LEU A 201 -15.23 -13.08 -8.69
CA LEU A 201 -14.44 -13.21 -9.91
C LEU A 201 -15.37 -13.30 -11.12
N GLU A 202 -16.46 -14.04 -10.95
CA GLU A 202 -17.41 -14.19 -12.04
C GLU A 202 -18.02 -12.84 -12.38
N LEU A 203 -18.41 -12.09 -11.36
CA LEU A 203 -19.01 -10.77 -11.57
C LEU A 203 -18.05 -9.82 -12.29
N GLN A 204 -16.77 -9.85 -11.93
CA GLN A 204 -15.82 -8.97 -12.59
C GLN A 204 -15.67 -9.36 -14.06
N LYS A 205 -15.72 -10.65 -14.35
CA LYS A 205 -15.60 -11.11 -15.73
C LYS A 205 -16.79 -10.72 -16.59
N SER A 206 -18.00 -10.88 -16.04
CA SER A 206 -19.22 -10.56 -16.78
C SER A 206 -19.51 -9.07 -16.96
N GLU A 207 -19.19 -8.26 -15.96
CA GLU A 207 -19.46 -6.82 -16.06
C GLU A 207 -18.46 -6.06 -16.94
N ARG A 208 -17.25 -6.61 -17.08
CA ARG A 208 -16.21 -5.96 -17.89
C ARG A 208 -16.12 -4.47 -17.56
N PRO A 209 -15.80 -4.15 -16.30
CA PRO A 209 -15.68 -2.76 -15.86
C PRO A 209 -14.75 -1.92 -16.73
N LEU A 210 -13.68 -2.52 -17.23
CA LEU A 210 -12.71 -1.80 -18.07
C LEU A 210 -13.34 -1.34 -19.37
N ALA A 211 -14.01 -2.26 -20.07
CA ALA A 211 -14.65 -1.92 -21.33
C ALA A 211 -15.72 -0.85 -21.10
N LYS A 212 -16.53 -1.03 -20.07
CA LYS A 212 -17.61 -0.08 -19.77
C LYS A 212 -17.04 1.33 -19.60
N GLN A 213 -15.97 1.44 -18.82
CA GLN A 213 -15.34 2.73 -18.57
C GLN A 213 -14.68 3.31 -19.81
N GLN A 214 -14.01 2.46 -20.58
CA GLN A 214 -13.34 2.91 -21.79
C GLN A 214 -14.39 3.44 -22.78
N ASN A 215 -15.49 2.70 -22.92
CA ASN A 215 -16.57 3.10 -23.80
C ASN A 215 -17.10 4.47 -23.36
N ALA A 216 -17.26 4.65 -22.05
CA ALA A 216 -17.76 5.93 -21.52
C ALA A 216 -16.82 7.08 -21.88
N LEU A 217 -15.52 6.89 -21.70
CA LEU A 217 -14.57 7.94 -22.03
C LEU A 217 -14.61 8.30 -23.51
N LEU A 218 -14.82 7.30 -24.36
CA LEU A 218 -14.87 7.51 -25.79
C LEU A 218 -16.19 8.14 -26.23
N GLU A 219 -17.25 7.84 -25.51
CA GLU A 219 -18.58 8.37 -25.84
C GLU A 219 -18.74 9.84 -25.47
N ASP A 220 -17.90 10.31 -24.54
CA ASP A 220 -17.96 11.71 -24.14
C ASP A 220 -17.29 12.56 -25.21
N GLU A 221 -18.01 13.57 -25.70
CA GLU A 221 -17.47 14.44 -26.73
C GLU A 221 -16.67 15.59 -26.13
N GLY A 222 -15.73 15.24 -25.25
CA GLY A 222 -14.89 16.23 -24.61
C GLY A 222 -13.84 16.77 -25.58
N LYS A 223 -12.60 16.89 -25.12
CA LYS A 223 -11.53 17.38 -25.99
C LYS A 223 -10.22 16.62 -25.86
N PRO A 224 -9.60 16.62 -24.66
CA PRO A 224 -8.33 15.92 -24.47
C PRO A 224 -8.35 14.50 -25.04
N THR A 225 -7.56 14.28 -26.10
CA THR A 225 -7.49 12.98 -26.76
C THR A 225 -6.92 11.87 -25.88
N PRO A 226 -5.72 12.08 -25.31
CA PRO A 226 -5.12 11.05 -24.45
C PRO A 226 -5.98 10.78 -23.21
N SER A 227 -6.77 11.77 -22.80
CA SER A 227 -7.63 11.60 -21.65
C SER A 227 -8.81 10.72 -22.06
N HIS A 228 -8.89 10.38 -23.34
CA HIS A 228 -9.95 9.51 -23.83
C HIS A 228 -9.50 8.07 -23.72
N THR A 229 -8.25 7.87 -23.33
CA THR A 229 -7.68 6.54 -23.13
C THR A 229 -7.82 6.22 -21.65
N LEU A 230 -8.37 5.05 -21.34
CA LEU A 230 -8.57 4.67 -19.95
C LEU A 230 -7.27 4.40 -19.17
N LEU A 231 -6.41 3.54 -19.71
CA LEU A 231 -5.17 3.19 -19.02
C LEU A 231 -3.98 4.11 -19.29
N HIS A 232 -3.22 4.40 -18.24
CA HIS A 232 -2.04 5.26 -18.31
C HIS A 232 -0.94 4.77 -17.36
N ASN A 233 0.30 5.13 -17.66
CA ASN A 233 1.43 4.80 -16.81
C ASN A 233 1.86 6.15 -16.27
N ARG A 234 1.41 6.48 -15.07
CA ARG A 234 1.77 7.75 -14.46
C ARG A 234 2.37 7.55 -13.08
N ASP A 235 2.42 6.30 -12.64
CA ASP A 235 2.93 6.00 -11.30
C ASP A 235 4.45 6.08 -11.15
N HIS A 236 4.90 6.70 -10.06
CA HIS A 236 6.33 6.83 -9.78
C HIS A 236 6.57 6.53 -8.30
N GLU A 237 5.64 5.83 -7.68
CA GLU A 237 5.71 5.49 -6.27
C GLU A 237 6.96 4.71 -5.85
N LEU A 238 7.43 3.81 -6.70
CA LEU A 238 8.60 3.03 -6.35
C LEU A 238 9.89 3.85 -6.25
N GLU A 239 9.96 4.94 -7.00
CA GLU A 239 11.15 5.79 -6.93
C GLU A 239 11.21 6.45 -5.56
N ARG A 240 10.06 6.91 -5.09
CA ARG A 240 9.97 7.54 -3.78
C ARG A 240 10.30 6.51 -2.69
N LEU A 241 9.64 5.37 -2.79
CA LEU A 241 9.82 4.29 -1.83
C LEU A 241 11.28 3.85 -1.72
N GLU A 242 11.97 3.78 -2.84
CA GLU A 242 13.37 3.36 -2.85
C GLU A 242 14.17 4.27 -1.93
N LYS A 243 13.93 5.57 -2.05
CA LYS A 243 14.62 6.57 -1.23
C LYS A 243 14.33 6.38 0.26
N VAL A 244 13.07 6.08 0.58
CA VAL A 244 12.68 5.90 1.98
C VAL A 244 13.34 4.67 2.58
N LEU A 245 13.36 3.57 1.82
CA LEU A 245 13.95 2.33 2.30
C LEU A 245 15.47 2.41 2.43
N LYS A 246 16.12 3.15 1.53
CA LYS A 246 17.56 3.30 1.58
C LYS A 246 17.93 4.12 2.79
N ASP A 247 17.09 5.10 3.09
CA ASP A 247 17.30 5.96 4.23
C ASP A 247 17.17 5.15 5.52
N ILE A 248 16.09 4.38 5.63
CA ILE A 248 15.87 3.56 6.83
C ILE A 248 17.08 2.66 7.07
N HIS A 249 17.55 2.01 6.01
CA HIS A 249 18.68 1.10 6.07
C HIS A 249 19.94 1.80 6.59
N ALA A 250 20.20 3.00 6.10
CA ALA A 250 21.38 3.75 6.50
C ALA A 250 21.32 4.13 7.98
N VAL A 251 20.20 4.70 8.39
CA VAL A 251 20.01 5.12 9.77
C VAL A 251 20.17 3.95 10.73
N TYR A 252 19.56 2.83 10.39
CA TYR A 252 19.64 1.65 11.24
C TYR A 252 21.09 1.19 11.43
N TYR A 253 21.82 1.02 10.33
CA TYR A 253 23.19 0.58 10.45
C TYR A 253 24.13 1.62 11.03
N GLU A 254 23.72 2.88 10.94
CA GLU A 254 24.51 3.97 11.51
C GLU A 254 24.35 3.89 13.02
N GLU A 255 23.11 3.72 13.49
CA GLU A 255 22.84 3.63 14.91
C GLU A 255 23.28 2.28 15.46
N GLU A 256 23.11 1.23 14.66
CA GLU A 256 23.50 -0.11 15.08
C GLU A 256 24.98 -0.15 15.46
N ASN A 257 25.80 0.52 14.66
CA ASN A 257 27.23 0.56 14.91
C ASN A 257 27.51 1.25 16.25
N ASP A 258 26.89 2.41 16.45
CA ASP A 258 27.06 3.14 17.69
C ASP A 258 26.42 2.42 18.88
N ILE A 259 25.20 1.93 18.69
CA ILE A 259 24.47 1.23 19.75
C ILE A 259 25.20 -0.03 20.24
N SER A 260 25.64 -0.87 19.31
CA SER A 260 26.33 -2.11 19.67
C SER A 260 27.72 -1.91 20.30
N SER A 261 28.48 -0.97 19.75
CA SER A 261 29.81 -0.69 20.25
C SER A 261 29.79 -0.18 21.69
N ARG A 262 28.80 0.65 22.01
CA ARG A 262 28.67 1.20 23.36
C ARG A 262 28.14 0.23 24.40
N SER A 263 27.60 -0.91 23.96
CA SER A 263 27.04 -1.87 24.90
C SER A 263 27.48 -3.31 24.65
N GLY A 264 28.59 -3.48 23.95
CA GLY A 264 29.08 -4.81 23.67
C GLY A 264 28.07 -5.80 23.13
N ASN A 265 27.21 -5.33 22.23
CA ASN A 265 26.18 -6.16 21.60
C ASN A 265 24.95 -6.48 22.43
N HIS A 266 24.90 -6.00 23.66
CA HIS A 266 23.74 -6.26 24.49
C HIS A 266 22.55 -5.47 23.96
N LYS A 267 22.84 -4.32 23.36
CA LYS A 267 21.79 -3.47 22.79
C LYS A 267 21.99 -3.27 21.28
N HIS A 268 20.89 -3.13 20.55
CA HIS A 268 20.94 -2.95 19.10
C HIS A 268 19.94 -1.91 18.59
N ALA A 269 20.05 -1.56 17.32
CA ALA A 269 19.14 -0.59 16.73
C ALA A 269 17.79 -1.27 16.53
N ASN A 270 16.74 -0.46 16.31
CA ASN A 270 15.39 -1.00 16.13
C ASN A 270 14.62 -0.15 15.12
N VAL A 271 14.30 -0.76 13.98
CA VAL A 271 13.57 -0.06 12.93
C VAL A 271 12.19 0.38 13.42
N GLY A 272 11.67 -0.32 14.42
CA GLY A 272 10.37 0.03 14.99
C GLY A 272 10.44 1.36 15.73
N LEU A 273 11.67 1.83 16.01
CA LEU A 273 11.85 3.11 16.67
C LEU A 273 12.30 4.13 15.65
N ILE A 274 13.10 3.68 14.69
CA ILE A 274 13.62 4.54 13.63
C ILE A 274 12.54 5.07 12.70
N ILE A 275 11.69 4.20 12.19
CA ILE A 275 10.63 4.63 11.29
C ILE A 275 9.69 5.67 11.88
N PRO A 276 9.13 5.43 13.09
CA PRO A 276 8.23 6.44 13.63
C PRO A 276 8.93 7.82 13.73
N LYS A 277 10.20 7.79 14.11
CA LYS A 277 10.99 9.01 14.23
C LYS A 277 10.94 9.82 12.95
N MET A 278 11.18 9.16 11.82
CA MET A 278 11.17 9.83 10.53
C MET A 278 9.76 10.37 10.20
N LYS A 279 8.75 9.53 10.40
CA LYS A 279 7.38 9.91 10.10
C LYS A 279 6.87 11.10 10.89
N GLN A 280 7.12 11.10 12.20
CA GLN A 280 6.65 12.16 13.07
C GLN A 280 7.01 13.60 12.67
N LYS A 281 8.02 13.75 11.83
CA LYS A 281 8.44 15.08 11.38
C LYS A 281 7.51 15.69 10.32
N VAL A 282 6.81 14.86 9.58
CA VAL A 282 5.94 15.35 8.51
C VAL A 282 4.79 16.26 8.93
N LEU A 283 3.96 15.81 9.87
CA LEU A 283 2.83 16.63 10.32
C LEU A 283 2.96 17.12 11.75
N LYS A 284 4.17 17.07 12.29
CA LYS A 284 4.39 17.54 13.66
C LYS A 284 3.85 18.96 13.76
N GLY A 285 3.15 19.23 14.86
CA GLY A 285 2.59 20.56 15.06
C GLY A 285 1.15 20.67 14.58
N CYS A 286 0.68 19.67 13.85
CA CYS A 286 -0.68 19.71 13.35
C CYS A 286 -1.64 19.09 14.36
N ARG A 287 -2.78 19.75 14.55
CA ARG A 287 -3.82 19.28 15.45
C ARG A 287 -5.05 19.23 14.56
N LEU A 288 -5.51 18.02 14.25
CA LEU A 288 -6.63 17.84 13.33
C LEU A 288 -8.01 17.58 13.91
N LEU A 289 -9.01 18.26 13.35
CA LEU A 289 -10.40 18.09 13.75
C LEU A 289 -11.15 17.66 12.49
N PHE A 290 -11.79 16.49 12.54
CA PHE A 290 -12.53 16.01 11.37
C PHE A 290 -14.00 16.40 11.41
N SER A 291 -14.55 16.64 10.22
CA SER A 291 -15.95 16.99 10.09
C SER A 291 -16.56 16.18 8.95
N GLY A 292 -17.46 15.27 9.30
CA GLY A 292 -18.13 14.45 8.30
C GLY A 292 -17.26 13.47 7.53
N VAL A 293 -16.07 13.18 8.03
CA VAL A 293 -15.16 12.25 7.38
C VAL A 293 -15.28 10.85 7.98
N ILE A 294 -15.60 10.81 9.27
CA ILE A 294 -15.75 9.55 9.99
C ILE A 294 -17.20 9.32 10.40
N PRO A 295 -17.74 8.13 10.12
CA PRO A 295 -19.13 7.77 10.45
C PRO A 295 -19.44 7.98 11.94
N LEU A 296 -20.65 8.42 12.22
CA LEU A 296 -21.08 8.66 13.59
C LEU A 296 -20.92 7.42 14.45
N GLY A 297 -20.82 6.27 13.80
CA GLY A 297 -20.68 5.02 14.52
C GLY A 297 -19.24 4.54 14.66
N VAL A 298 -18.28 5.39 14.33
CA VAL A 298 -16.88 4.99 14.42
C VAL A 298 -16.08 5.88 15.39
N ASP A 299 -15.35 5.24 16.29
CA ASP A 299 -14.51 5.96 17.24
C ASP A 299 -13.47 6.68 16.39
N VAL A 300 -13.41 8.00 16.51
CA VAL A 300 -12.47 8.79 15.73
C VAL A 300 -11.00 8.40 15.91
N LEU A 301 -10.51 8.57 17.14
CA LEU A 301 -9.12 8.28 17.45
C LEU A 301 -8.62 6.88 17.11
N SER A 302 -9.53 5.92 16.95
CA SER A 302 -9.08 4.58 16.62
C SER A 302 -9.28 4.26 15.15
N SER A 303 -9.88 5.19 14.41
CA SER A 303 -10.11 4.98 12.99
C SER A 303 -8.79 4.93 12.20
N ASP A 304 -8.86 4.41 10.98
CA ASP A 304 -7.68 4.30 10.14
C ASP A 304 -7.09 5.66 9.78
N ILE A 305 -7.93 6.59 9.34
CA ILE A 305 -7.44 7.90 8.96
C ILE A 305 -6.72 8.56 10.13
N ALA A 306 -7.27 8.40 11.34
CA ALA A 306 -6.68 8.99 12.54
C ALA A 306 -5.32 8.35 12.89
N LYS A 307 -5.26 7.02 12.85
CA LYS A 307 -4.01 6.32 13.16
C LYS A 307 -2.95 6.59 12.11
N TRP A 308 -3.38 6.76 10.86
CA TRP A 308 -2.43 7.04 9.78
C TRP A 308 -1.86 8.43 10.01
N ALA A 309 -2.73 9.40 10.25
CA ALA A 309 -2.31 10.77 10.49
C ALA A 309 -1.42 10.84 11.74
N MET A 310 -1.84 10.17 12.80
CA MET A 310 -1.06 10.19 14.02
C MET A 310 0.31 9.55 13.86
N SER A 311 0.42 8.57 12.97
CA SER A 311 1.71 7.93 12.77
C SER A 311 2.66 8.93 12.12
N PHE A 312 2.13 10.00 11.56
CA PHE A 312 2.99 11.02 10.96
C PHE A 312 3.12 12.30 11.80
N GLY A 313 2.97 12.13 13.12
CA GLY A 313 3.12 13.25 14.03
C GLY A 313 1.92 14.15 14.27
N ALA A 314 0.82 13.88 13.57
CA ALA A 314 -0.38 14.70 13.74
C ALA A 314 -1.11 14.39 15.04
N GLU A 315 -1.74 15.42 15.58
CA GLU A 315 -2.53 15.26 16.80
C GLU A 315 -3.98 15.32 16.33
N VAL A 316 -4.85 14.54 16.97
CA VAL A 316 -6.24 14.54 16.59
C VAL A 316 -7.09 14.97 17.77
N VAL A 317 -7.96 15.94 17.56
CA VAL A 317 -8.83 16.43 18.60
C VAL A 317 -10.30 16.23 18.19
N LEU A 318 -11.20 16.24 19.17
CA LEU A 318 -12.61 16.01 18.88
C LEU A 318 -13.50 17.25 18.90
N ASP A 319 -12.94 18.39 19.29
CA ASP A 319 -13.73 19.62 19.30
C ASP A 319 -12.86 20.87 19.24
N PHE A 320 -13.48 22.01 19.46
CA PHE A 320 -12.78 23.28 19.40
C PHE A 320 -12.28 23.78 20.75
N SER A 321 -12.60 23.08 21.83
CA SER A 321 -12.17 23.49 23.18
C SER A 321 -10.74 24.03 23.09
N VAL A 322 -9.91 23.32 22.35
CA VAL A 322 -8.53 23.75 22.12
C VAL A 322 -8.49 23.84 20.60
N PRO A 323 -8.76 25.03 20.05
CA PRO A 323 -8.77 25.24 18.60
C PRO A 323 -7.67 24.48 17.86
N PRO A 324 -8.07 23.68 16.86
CA PRO A 324 -7.15 22.88 16.04
C PRO A 324 -6.49 23.72 14.94
N THR A 325 -5.42 23.19 14.36
CA THR A 325 -4.75 23.91 13.29
C THR A 325 -5.50 23.68 12.00
N HIS A 326 -6.05 22.48 11.84
CA HIS A 326 -6.79 22.16 10.62
C HIS A 326 -8.15 21.53 10.86
N LEU A 327 -9.07 21.77 9.93
CA LEU A 327 -10.39 21.19 9.97
C LEU A 327 -10.48 20.39 8.67
N ILE A 328 -10.51 19.07 8.77
CA ILE A 328 -10.61 18.21 7.60
C ILE A 328 -12.09 17.97 7.36
N ALA A 329 -12.66 18.67 6.38
CA ALA A 329 -14.09 18.56 6.08
C ALA A 329 -14.44 17.75 4.83
N ALA A 330 -15.52 16.97 4.91
CA ALA A 330 -15.96 16.12 3.81
C ALA A 330 -16.57 16.88 2.63
N LYS A 331 -16.16 18.13 2.45
CA LYS A 331 -16.66 18.97 1.36
C LYS A 331 -18.14 19.29 1.58
N ILE A 332 -18.53 19.28 2.85
CA ILE A 332 -19.90 19.57 3.25
C ILE A 332 -19.90 20.84 4.08
N ARG A 333 -21.02 21.57 4.05
CA ARG A 333 -21.15 22.80 4.82
C ARG A 333 -21.88 22.45 6.10
N THR A 334 -21.12 22.33 7.19
CA THR A 334 -21.68 21.98 8.48
C THR A 334 -21.39 23.06 9.50
N GLU A 335 -21.81 22.83 10.74
CA GLU A 335 -21.57 23.79 11.79
C GLU A 335 -20.09 23.87 12.11
N LYS A 336 -19.38 22.75 11.99
CA LYS A 336 -17.95 22.75 12.27
C LYS A 336 -17.22 23.66 11.28
N VAL A 337 -17.57 23.56 10.01
CA VAL A 337 -16.96 24.40 9.00
C VAL A 337 -17.25 25.85 9.34
N LYS A 338 -18.53 26.15 9.55
CA LYS A 338 -18.95 27.50 9.89
C LYS A 338 -18.19 27.98 11.13
N LYS A 339 -18.24 27.18 12.19
CA LYS A 339 -17.57 27.50 13.45
C LYS A 339 -16.08 27.76 13.25
N ALA A 340 -15.43 26.94 12.42
CA ALA A 340 -14.01 27.08 12.15
C ALA A 340 -13.74 28.41 11.45
N VAL A 341 -14.57 28.74 10.47
CA VAL A 341 -14.40 29.98 9.73
C VAL A 341 -14.68 31.20 10.61
N SER A 342 -15.80 31.19 11.31
CA SER A 342 -16.15 32.30 12.19
C SER A 342 -14.98 32.53 13.15
N MET A 343 -14.30 31.46 13.52
CA MET A 343 -13.14 31.57 14.41
C MET A 343 -12.01 32.09 13.52
N GLY A 344 -10.78 31.72 13.82
CA GLY A 344 -9.69 32.20 12.99
C GLY A 344 -8.47 31.33 13.14
N ASN A 345 -7.66 31.26 12.09
CA ASN A 345 -6.45 30.47 12.13
C ASN A 345 -6.76 28.97 12.22
N ILE A 346 -7.56 28.46 11.29
CA ILE A 346 -7.94 27.05 11.31
C ILE A 346 -7.67 26.24 10.02
N LYS A 347 -7.56 26.90 8.87
CA LYS A 347 -7.33 26.17 7.62
C LYS A 347 -8.34 25.04 7.46
N VAL A 348 -9.41 25.30 6.75
CA VAL A 348 -10.42 24.28 6.51
C VAL A 348 -10.02 23.66 5.18
N VAL A 349 -9.71 22.37 5.20
CA VAL A 349 -9.28 21.71 3.97
C VAL A 349 -9.98 20.38 3.70
N LYS A 350 -9.92 19.98 2.43
CA LYS A 350 -10.53 18.73 1.98
C LYS A 350 -9.71 17.58 2.54
N LEU A 351 -10.29 16.38 2.56
CA LEU A 351 -9.62 15.20 3.07
C LEU A 351 -8.36 14.93 2.25
N ASN A 352 -8.41 15.34 0.97
CA ASN A 352 -7.30 15.17 0.04
C ASN A 352 -6.00 15.76 0.57
N TRP A 353 -6.08 16.92 1.19
CA TRP A 353 -4.88 17.53 1.73
C TRP A 353 -4.14 16.55 2.63
N LEU A 354 -4.88 15.90 3.53
CA LEU A 354 -4.30 14.95 4.47
C LEU A 354 -3.76 13.67 3.83
N THR A 355 -4.62 12.94 3.14
CA THR A 355 -4.21 11.69 2.50
C THR A 355 -3.05 11.90 1.52
N GLU A 356 -3.10 12.97 0.75
CA GLU A 356 -2.02 13.24 -0.19
C GLU A 356 -0.73 13.60 0.53
N SER A 357 -0.83 14.43 1.57
CA SER A 357 0.34 14.83 2.34
C SER A 357 0.98 13.61 2.99
N LEU A 358 0.15 12.73 3.53
CA LEU A 358 0.62 11.52 4.19
C LEU A 358 1.26 10.56 3.20
N SER A 359 0.67 10.46 2.02
CA SER A 359 1.18 9.59 0.97
C SER A 359 2.52 10.08 0.44
N GLN A 360 2.70 11.39 0.42
CA GLN A 360 3.94 11.98 -0.08
C GLN A 360 4.96 12.33 1.00
N TRP A 361 4.73 11.84 2.23
CA TRP A 361 5.64 12.13 3.34
C TRP A 361 6.05 13.59 3.31
N LYS A 362 5.13 14.45 2.90
CA LYS A 362 5.41 15.87 2.83
C LYS A 362 4.13 16.65 3.03
N ARG A 363 4.16 17.60 3.96
CA ARG A 363 3.00 18.42 4.23
C ARG A 363 2.77 19.36 3.04
N LEU A 364 1.68 19.12 2.33
CA LEU A 364 1.34 19.92 1.15
C LEU A 364 0.71 21.26 1.52
N PRO A 365 0.69 22.20 0.56
CA PRO A 365 0.11 23.54 0.72
C PRO A 365 -1.41 23.45 0.88
N GLU A 366 -1.91 23.89 2.03
CA GLU A 366 -3.35 23.86 2.29
C GLU A 366 -4.09 24.66 1.23
N SER A 367 -3.39 25.62 0.64
CA SER A 367 -3.93 26.49 -0.40
C SER A 367 -4.55 25.73 -1.57
N ASP A 368 -4.06 24.52 -1.82
CA ASP A 368 -4.55 23.72 -2.94
C ASP A 368 -5.66 22.76 -2.57
N TYR A 369 -6.23 22.90 -1.37
CA TYR A 369 -7.29 21.98 -0.97
C TYR A 369 -8.42 22.64 -0.21
N LEU A 370 -8.74 23.88 -0.57
CA LEU A 370 -9.82 24.60 0.09
C LEU A 370 -11.18 24.06 -0.34
N LEU A 371 -12.19 24.31 0.50
CA LEU A 371 -13.55 23.88 0.22
C LEU A 371 -14.45 25.09 -0.02
N TYR A 372 -14.64 25.88 1.03
CA TYR A 372 -15.47 27.08 0.98
C TYR A 372 -14.60 28.32 1.15
AL ALF B . -2.16 -8.27 -0.19
F1 ALF B . -2.53 -7.00 -1.35
F2 ALF B . -1.58 -9.50 0.92
F3 ALF B . -3.01 -7.48 1.17
F4 ALF B . -1.15 -8.91 -1.53
MG MG C . -2.32 -4.78 -1.02
#